data_3L5R
#
_entry.id   3L5R
#
_cell.length_a   67.602
_cell.length_b   67.694
_cell.length_c   89.269
_cell.angle_alpha   90.000
_cell.angle_beta   90.000
_cell.angle_gamma   90.000
#
_symmetry.space_group_name_H-M   'P 21 21 21'
#
loop_
_entity.id
_entity.type
_entity.pdbx_description
1 polymer 'Macrophage migration inhibitory factor'
2 non-polymer 3-(3,4-dihydroxyphenyl)-7-hydroxy-4H-chromen-4-one
3 non-polymer 'SULFATE ION'
4 non-polymer GLYCEROL
5 water water
#
_entity_poly.entity_id   1
_entity_poly.type   'polypeptide(L)'
_entity_poly.pdbx_seq_one_letter_code
;PMFIVNTNVPRASVPDGFLSELTQQLAQATGKPPQYIAVHVVPDQLMAFGGSSEPCALCSLHSIGKIGGAQNRSYSKLLC
GLLAERLRISPDRVYINYYDMNAANVGWNNSTFALEHHHHHH
;
_entity_poly.pdbx_strand_id   A,B,C
#
loop_
_chem_comp.id
_chem_comp.type
_chem_comp.name
_chem_comp.formula
47X non-polymer 3-(3,4-dihydroxyphenyl)-7-hydroxy-4H-chromen-4-one 'C15 H10 O5'
GOL non-polymer GLYCEROL 'C3 H8 O3'
SO4 non-polymer 'SULFATE ION' 'O4 S -2'
#
# COMPACT_ATOMS: atom_id res chain seq x y z
N PRO A 1 3.15 14.97 -4.14
CA PRO A 1 3.30 14.03 -3.02
C PRO A 1 1.99 13.38 -2.59
N MET A 2 2.10 12.18 -2.05
CA MET A 2 0.95 11.37 -1.67
C MET A 2 1.20 10.79 -0.29
N PHE A 3 0.32 11.08 0.66
CA PHE A 3 0.45 10.57 2.01
C PHE A 3 -0.72 9.70 2.42
N ILE A 4 -0.42 8.50 2.91
CA ILE A 4 -1.45 7.56 3.31
C ILE A 4 -1.26 7.22 4.78
N VAL A 5 -2.34 7.28 5.56
CA VAL A 5 -2.29 6.82 6.93
CA VAL A 5 -2.35 6.86 6.96
C VAL A 5 -3.34 5.73 7.19
N ASN A 6 -2.86 4.57 7.62
CA ASN A 6 -3.73 3.49 8.03
C ASN A 6 -3.63 3.35 9.55
N THR A 7 -4.77 3.38 10.22
CA THR A 7 -4.78 3.31 11.68
C THR A 7 -5.97 2.54 12.22
N ASN A 8 -5.83 1.98 13.41
CA ASN A 8 -6.93 1.30 14.10
C ASN A 8 -7.77 2.27 14.92
N VAL A 9 -7.35 3.53 14.98
CA VAL A 9 -8.15 4.55 15.66
C VAL A 9 -9.51 4.66 14.98
N PRO A 10 -10.59 4.77 15.78
CA PRO A 10 -11.92 4.84 15.19
C PRO A 10 -12.14 6.11 14.37
N ARG A 11 -13.03 6.03 13.39
CA ARG A 11 -13.25 7.12 12.46
C ARG A 11 -13.70 8.39 13.20
N ALA A 12 -14.48 8.21 14.26
CA ALA A 12 -15.01 9.36 14.99
C ALA A 12 -13.90 10.14 15.70
N SER A 13 -12.76 9.50 15.93
CA SER A 13 -11.63 10.17 16.58
C SER A 13 -10.80 11.00 15.62
N VAL A 14 -11.16 10.99 14.35
CA VAL A 14 -10.49 11.85 13.37
C VAL A 14 -11.14 13.22 13.38
N PRO A 15 -10.38 14.26 13.76
CA PRO A 15 -10.95 15.59 14.00
C PRO A 15 -11.26 16.33 12.70
N ASP A 16 -12.30 17.17 12.73
CA ASP A 16 -12.54 18.09 11.63
C ASP A 16 -11.25 18.84 11.32
N GLY A 17 -10.91 18.94 10.04
CA GLY A 17 -9.75 19.70 9.64
C GLY A 17 -8.50 18.87 9.35
N PHE A 18 -8.54 17.58 9.68
CA PHE A 18 -7.33 16.75 9.65
C PHE A 18 -6.74 16.61 8.24
N LEU A 19 -7.58 16.34 7.24
CA LEU A 19 -7.07 16.20 5.88
C LEU A 19 -6.44 17.49 5.37
N SER A 20 -7.02 18.62 5.75
CA SER A 20 -6.54 19.91 5.27
C SER A 20 -5.22 20.25 5.93
N GLU A 21 -5.08 19.91 7.21
CA GLU A 21 -3.86 20.18 7.94
C GLU A 21 -2.70 19.35 7.37
N LEU A 22 -3.00 18.09 7.04
CA LEU A 22 -1.99 17.23 6.41
C LEU A 22 -1.57 17.79 5.07
N THR A 23 -2.57 18.21 4.27
CA THR A 23 -2.30 18.79 2.97
C THR A 23 -1.40 20.02 3.09
N GLN A 24 -1.72 20.90 4.04
CA GLN A 24 -0.99 22.16 4.16
C GLN A 24 0.41 21.98 4.72
N GLN A 25 0.54 21.15 5.75
CA GLN A 25 1.84 20.94 6.37
C GLN A 25 2.79 20.12 5.49
N LEU A 26 2.23 19.21 4.70
CA LEU A 26 3.05 18.44 3.77
C LEU A 26 3.49 19.30 2.59
N ALA A 27 2.66 20.26 2.21
CA ALA A 27 3.05 21.22 1.19
C ALA A 27 4.25 22.02 1.66
N GLN A 28 4.17 22.52 2.90
CA GLN A 28 5.26 23.24 3.51
C GLN A 28 6.54 22.41 3.58
N ALA A 29 6.42 21.20 4.13
CA ALA A 29 7.59 20.40 4.46
C ALA A 29 8.31 19.92 3.21
N THR A 30 7.56 19.64 2.15
CA THR A 30 8.16 19.12 0.92
C THR A 30 8.47 20.24 -0.06
N GLY A 31 7.88 21.41 0.18
CA GLY A 31 8.10 22.56 -0.69
C GLY A 31 7.35 22.48 -2.01
N LYS A 32 6.37 21.58 -2.09
CA LYS A 32 5.55 21.48 -3.28
C LYS A 32 4.20 22.14 -3.06
N PRO A 33 3.57 22.63 -4.14
CA PRO A 33 2.29 23.36 -4.00
C PRO A 33 1.19 22.46 -3.43
N PRO A 34 0.30 23.04 -2.62
CA PRO A 34 -0.77 22.30 -1.94
C PRO A 34 -1.71 21.61 -2.95
N GLN A 35 -1.75 22.14 -4.16
CA GLN A 35 -2.68 21.65 -5.18
C GLN A 35 -2.27 20.27 -5.67
N TYR A 36 -1.02 19.89 -5.44
CA TYR A 36 -0.53 18.59 -5.88
C TYR A 36 -0.40 17.58 -4.74
N ILE A 37 -0.74 18.00 -3.52
CA ILE A 37 -0.66 17.10 -2.38
C ILE A 37 -1.93 16.25 -2.26
N ALA A 38 -1.75 14.93 -2.24
CA ALA A 38 -2.85 14.01 -2.03
C ALA A 38 -2.73 13.35 -0.66
N VAL A 39 -3.85 13.25 0.06
CA VAL A 39 -3.86 12.66 1.38
C VAL A 39 -5.00 11.68 1.53
N HIS A 40 -4.75 10.60 2.27
CA HIS A 40 -5.66 9.48 2.37
C HIS A 40 -5.58 8.93 3.79
N VAL A 41 -6.69 8.96 4.49
CA VAL A 41 -6.74 8.50 5.88
C VAL A 41 -7.71 7.33 6.00
N VAL A 42 -7.21 6.22 6.52
CA VAL A 42 -8.00 4.99 6.62
C VAL A 42 -8.12 4.56 8.09
N PRO A 43 -9.20 4.96 8.76
CA PRO A 43 -9.44 4.61 10.17
C PRO A 43 -10.05 3.22 10.35
N ASP A 44 -10.21 2.82 11.61
CA ASP A 44 -10.97 1.61 11.97
C ASP A 44 -10.33 0.33 11.43
N GLN A 45 -9.01 0.33 11.27
CA GLN A 45 -8.34 -0.81 10.68
C GLN A 45 -8.02 -1.89 11.70
N LEU A 46 -8.02 -3.14 11.23
CA LEU A 46 -7.63 -4.27 12.07
C LEU A 46 -6.12 -4.44 12.02
N MET A 47 -5.42 -3.95 13.03
CA MET A 47 -3.98 -4.05 13.02
C MET A 47 -3.37 -4.17 14.40
N ALA A 48 -2.11 -4.60 14.44
CA ALA A 48 -1.37 -4.63 15.69
C ALA A 48 0.03 -4.11 15.45
N PHE A 49 0.64 -3.59 16.51
CA PHE A 49 2.01 -3.13 16.46
C PHE A 49 2.67 -3.71 17.71
N GLY A 50 3.69 -4.54 17.50
CA GLY A 50 4.32 -5.20 18.62
C GLY A 50 3.41 -6.22 19.29
N GLY A 51 2.41 -6.69 18.55
CA GLY A 51 1.46 -7.64 19.10
C GLY A 51 0.36 -7.02 19.94
N SER A 52 0.33 -5.70 20.02
CA SER A 52 -0.71 -4.97 20.78
C SER A 52 -1.63 -4.20 19.86
N SER A 53 -2.91 -4.14 20.23
CA SER A 53 -3.91 -3.42 19.46
C SER A 53 -4.19 -2.02 20.00
N GLU A 54 -3.31 -1.51 20.85
CA GLU A 54 -3.37 -0.10 21.22
C GLU A 54 -3.20 0.73 19.96
N PRO A 55 -3.59 2.02 20.01
CA PRO A 55 -3.51 2.85 18.81
C PRO A 55 -2.13 2.79 18.16
N CYS A 56 -2.14 2.70 16.84
CA CYS A 56 -0.90 2.66 16.06
C CYS A 56 -1.22 3.13 14.66
N ALA A 57 -0.20 3.41 13.87
CA ALA A 57 -0.40 3.84 12.50
C ALA A 57 0.67 3.30 11.57
N LEU A 58 0.27 2.90 10.38
CA LEU A 58 1.19 2.50 9.34
C LEU A 58 0.96 3.42 8.16
N CYS A 59 2.00 4.15 7.74
CA CYS A 59 1.84 5.24 6.78
C CYS A 59 2.83 5.11 5.62
N SER A 60 2.59 5.86 4.55
CA SER A 60 3.59 6.01 3.51
C SER A 60 3.57 7.42 2.94
N LEU A 61 4.72 7.88 2.50
CA LEU A 61 4.84 9.12 1.77
C LEU A 61 5.60 8.83 0.48
N HIS A 62 4.96 9.12 -0.65
CA HIS A 62 5.61 9.01 -1.96
C HIS A 62 5.89 10.42 -2.46
N SER A 63 7.10 10.66 -2.92
CA SER A 63 7.45 11.95 -3.50
C SER A 63 8.45 11.80 -4.62
N ILE A 64 8.28 12.58 -5.69
CA ILE A 64 9.30 12.67 -6.71
C ILE A 64 10.39 13.60 -6.17
N GLY A 65 11.44 12.98 -5.63
CA GLY A 65 12.46 13.76 -4.94
C GLY A 65 12.04 14.22 -3.57
N LYS A 66 12.82 15.11 -2.96
CA LYS A 66 12.57 15.61 -1.62
C LYS A 66 12.52 14.48 -0.59
N ILE A 67 13.15 13.36 -0.92
CA ILE A 67 13.27 12.24 0.00
C ILE A 67 14.74 12.02 0.34
N GLY A 68 15.05 11.90 1.62
CA GLY A 68 16.43 11.65 2.01
C GLY A 68 16.63 11.61 3.51
N GLY A 69 17.89 11.46 3.93
CA GLY A 69 18.21 11.32 5.34
C GLY A 69 17.57 12.37 6.23
N ALA A 70 18.02 13.62 6.10
CA ALA A 70 17.56 14.68 6.98
C ALA A 70 16.10 15.04 6.72
N GLN A 71 15.72 15.05 5.46
CA GLN A 71 14.35 15.39 5.09
C GLN A 71 13.35 14.40 5.67
N ASN A 72 13.67 13.11 5.60
CA ASN A 72 12.77 12.08 6.13
C ASN A 72 12.67 12.15 7.66
N ARG A 73 13.79 12.48 8.31
CA ARG A 73 13.74 12.66 9.76
C ARG A 73 12.83 13.84 10.10
N SER A 74 12.87 14.88 9.27
CA SER A 74 11.99 16.02 9.48
C SER A 74 10.52 15.63 9.26
N TYR A 75 10.25 14.92 8.17
CA TYR A 75 8.88 14.47 7.88
C TYR A 75 8.33 13.62 9.03
N SER A 76 9.18 12.77 9.59
CA SER A 76 8.73 11.87 10.65
C SER A 76 8.40 12.63 11.94
N LYS A 77 9.16 13.67 12.24
CA LYS A 77 8.89 14.49 13.42
C LYS A 77 7.58 15.26 13.22
N LEU A 78 7.40 15.83 12.03
CA LEU A 78 6.15 16.51 11.69
C LEU A 78 4.95 15.57 11.76
N LEU A 79 5.03 14.43 11.08
CA LEU A 79 3.89 13.53 10.97
C LEU A 79 3.55 12.79 12.27
N CYS A 80 4.58 12.32 12.98
CA CYS A 80 4.32 11.71 14.29
C CYS A 80 3.71 12.72 15.27
N GLY A 81 4.18 13.97 15.20
CA GLY A 81 3.62 15.00 16.05
C GLY A 81 2.14 15.21 15.77
N LEU A 82 1.78 15.22 14.49
CA LEU A 82 0.38 15.37 14.10
C LEU A 82 -0.47 14.17 14.52
N LEU A 83 0.05 12.96 14.32
CA LEU A 83 -0.67 11.75 14.70
C LEU A 83 -0.84 11.65 16.23
N ALA A 84 0.17 12.09 16.97
CA ALA A 84 0.08 12.07 18.43
C ALA A 84 -0.96 13.09 18.88
N GLU A 85 -0.88 14.30 18.31
CA GLU A 85 -1.74 15.39 18.72
C GLU A 85 -3.19 15.18 18.29
N ARG A 86 -3.39 14.78 17.04
CA ARG A 86 -4.75 14.72 16.48
C ARG A 86 -5.43 13.37 16.72
N LEU A 87 -4.66 12.28 16.67
CA LEU A 87 -5.24 10.95 16.80
C LEU A 87 -4.82 10.25 18.08
N ARG A 88 -3.99 10.91 18.87
CA ARG A 88 -3.54 10.36 20.15
C ARG A 88 -2.82 9.02 19.96
N ILE A 89 -2.03 8.95 18.90
CA ILE A 89 -1.22 7.76 18.65
C ILE A 89 0.23 8.02 19.09
N SER A 90 0.79 7.09 19.84
CA SER A 90 2.16 7.26 20.33
CA SER A 90 2.16 7.26 20.33
C SER A 90 3.16 7.17 19.19
N PRO A 91 4.13 8.07 19.15
CA PRO A 91 5.12 8.09 18.08
C PRO A 91 5.86 6.76 17.89
N ASP A 92 6.08 6.03 18.97
CA ASP A 92 6.81 4.77 18.84
C ASP A 92 5.90 3.63 18.42
N ARG A 93 4.65 3.96 18.09
CA ARG A 93 3.75 3.00 17.45
C ARG A 93 3.32 3.47 16.06
N VAL A 94 4.20 4.25 15.43
CA VAL A 94 3.99 4.68 14.05
C VAL A 94 5.13 4.22 13.15
N TYR A 95 4.78 3.67 11.98
CA TYR A 95 5.76 3.42 10.93
C TYR A 95 5.39 4.25 9.70
N ILE A 96 6.40 4.86 9.10
CA ILE A 96 6.19 5.61 7.86
C ILE A 96 7.20 5.14 6.82
N ASN A 97 6.72 4.58 5.72
CA ASN A 97 7.59 4.22 4.62
C ASN A 97 7.69 5.38 3.62
N TYR A 98 8.92 5.81 3.35
CA TYR A 98 9.18 6.86 2.37
C TYR A 98 9.61 6.27 1.03
N TYR A 99 8.99 6.76 -0.05
CA TYR A 99 9.36 6.34 -1.40
C TYR A 99 9.75 7.55 -2.26
N ASP A 100 10.97 7.50 -2.78
CA ASP A 100 11.43 8.50 -3.74
C ASP A 100 11.09 7.98 -5.13
N MET A 101 10.04 8.53 -5.73
CA MET A 101 9.55 8.03 -7.02
C MET A 101 10.27 8.69 -8.20
N ASN A 102 10.57 7.90 -9.22
CA ASN A 102 11.05 8.43 -10.50
C ASN A 102 9.86 9.05 -11.25
N ALA A 103 10.06 10.23 -11.81
CA ALA A 103 8.94 10.95 -12.42
C ALA A 103 8.29 10.10 -13.52
N ALA A 104 9.07 9.23 -14.14
CA ALA A 104 8.56 8.34 -15.17
C ALA A 104 7.64 7.28 -14.57
N ASN A 105 7.78 7.05 -13.27
CA ASN A 105 6.99 6.03 -12.58
C ASN A 105 5.80 6.62 -11.83
N VAL A 106 5.44 7.86 -12.14
CA VAL A 106 4.23 8.45 -11.58
C VAL A 106 3.29 8.92 -12.69
N GLY A 107 2.10 8.33 -12.70
CA GLY A 107 1.10 8.73 -13.68
C GLY A 107 0.17 9.81 -13.15
N TRP A 108 -0.22 10.73 -14.03
CA TRP A 108 -1.14 11.80 -13.69
C TRP A 108 -1.65 12.43 -14.97
N ASN A 109 -2.96 12.67 -15.02
CA ASN A 109 -3.57 13.44 -16.10
C ASN A 109 -3.27 12.83 -17.47
N ASN A 110 -3.47 11.51 -17.59
CA ASN A 110 -3.32 10.81 -18.86
C ASN A 110 -1.87 10.61 -19.31
N SER A 111 -0.92 11.06 -18.52
CA SER A 111 0.49 10.84 -18.84
C SER A 111 1.28 10.58 -17.56
N THR A 112 2.60 10.78 -17.63
CA THR A 112 3.44 10.72 -16.44
C THR A 112 4.18 12.04 -16.25
N PHE A 113 4.89 12.17 -15.14
CA PHE A 113 5.59 13.41 -14.82
C PHE A 113 6.93 13.54 -15.55
N ALA A 114 7.37 12.48 -16.20
CA ALA A 114 8.62 12.52 -16.95
C ALA A 114 8.50 13.46 -18.15
N PRO B 1 9.54 -4.79 10.96
CA PRO B 1 8.88 -5.27 9.72
C PRO B 1 7.38 -5.04 9.73
N MET B 2 6.82 -4.89 8.54
CA MET B 2 5.41 -4.54 8.37
C MET B 2 4.77 -5.50 7.37
N PHE B 3 3.72 -6.19 7.80
CA PHE B 3 3.03 -7.12 6.90
C PHE B 3 1.56 -6.73 6.72
N ILE B 4 1.15 -6.58 5.47
CA ILE B 4 -0.22 -6.18 5.15
C ILE B 4 -0.91 -7.27 4.34
N VAL B 5 -2.11 -7.66 4.76
CA VAL B 5 -2.94 -8.59 3.99
CA VAL B 5 -2.93 -8.57 3.97
C VAL B 5 -4.25 -7.95 3.56
N ASN B 6 -4.45 -7.84 2.26
CA ASN B 6 -5.74 -7.40 1.71
C ASN B 6 -6.41 -8.62 1.10
N THR B 7 -7.66 -8.87 1.49
CA THR B 7 -8.36 -10.05 0.99
C THR B 7 -9.86 -9.81 0.83
N ASN B 8 -10.49 -10.57 -0.07
CA ASN B 8 -11.94 -10.51 -0.23
C ASN B 8 -12.66 -11.47 0.73
N VAL B 9 -11.89 -12.23 1.50
CA VAL B 9 -12.47 -13.05 2.55
C VAL B 9 -13.14 -12.16 3.59
N PRO B 10 -14.36 -12.54 4.03
CA PRO B 10 -15.11 -11.71 4.98
C PRO B 10 -14.47 -11.66 6.36
N ARG B 11 -14.73 -10.58 7.09
CA ARG B 11 -14.10 -10.39 8.39
C ARG B 11 -14.47 -11.52 9.35
N ALA B 12 -15.67 -12.05 9.21
CA ALA B 12 -16.15 -13.10 10.10
C ALA B 12 -15.34 -14.39 9.95
N SER B 13 -14.65 -14.54 8.83
CA SER B 13 -13.84 -15.72 8.62
C SER B 13 -12.41 -15.58 9.13
N VAL B 14 -12.02 -14.37 9.54
CA VAL B 14 -10.73 -14.18 10.18
C VAL B 14 -10.77 -14.71 11.62
N PRO B 15 -9.96 -15.72 11.93
CA PRO B 15 -10.03 -16.41 13.22
C PRO B 15 -9.40 -15.64 14.38
N ASP B 16 -9.97 -15.80 15.57
CA ASP B 16 -9.34 -15.31 16.80
C ASP B 16 -7.89 -15.78 16.84
N GLY B 17 -6.97 -14.85 17.08
CA GLY B 17 -5.57 -15.20 17.22
C GLY B 17 -4.72 -14.90 15.99
N PHE B 18 -5.38 -14.47 14.91
CA PHE B 18 -4.70 -14.37 13.62
C PHE B 18 -3.59 -13.32 13.61
N LEU B 19 -3.86 -12.13 14.15
CA LEU B 19 -2.86 -11.07 14.17
C LEU B 19 -1.66 -11.49 15.01
N SER B 20 -1.91 -12.15 16.14
CA SER B 20 -0.84 -12.57 17.03
C SER B 20 0.01 -13.66 16.37
N GLU B 21 -0.63 -14.56 15.64
CA GLU B 21 0.10 -15.63 14.98
C GLU B 21 1.00 -15.05 13.91
N LEU B 22 0.48 -14.10 13.13
CA LEU B 22 1.28 -13.43 12.12
C LEU B 22 2.45 -12.70 12.76
N THR B 23 2.18 -11.97 13.85
CA THR B 23 3.22 -11.23 14.57
C THR B 23 4.35 -12.18 15.02
N GLN B 24 3.99 -13.27 15.66
CA GLN B 24 4.97 -14.17 16.24
C GLN B 24 5.76 -14.93 15.19
N GLN B 25 5.07 -15.44 14.17
CA GLN B 25 5.73 -16.19 13.11
C GLN B 25 6.62 -15.33 12.23
N LEU B 26 6.26 -14.05 12.09
CA LEU B 26 7.10 -13.12 11.35
C LEU B 26 8.33 -12.71 12.17
N ALA B 27 8.16 -12.57 13.49
CA ALA B 27 9.31 -12.29 14.35
C ALA B 27 10.31 -13.43 14.20
N GLN B 28 9.78 -14.65 14.27
CA GLN B 28 10.60 -15.86 14.12
C GLN B 28 11.29 -15.91 12.76
N ALA B 29 10.53 -15.63 11.70
CA ALA B 29 11.04 -15.77 10.34
C ALA B 29 12.08 -14.70 9.99
N THR B 30 11.85 -13.46 10.41
CA THR B 30 12.75 -12.37 10.04
C THR B 30 13.88 -12.17 11.03
N GLY B 31 13.76 -12.77 12.21
CA GLY B 31 14.77 -12.59 13.24
C GLY B 31 14.70 -11.23 13.89
N LYS B 32 13.63 -10.49 13.62
CA LYS B 32 13.42 -9.19 14.23
C LYS B 32 12.60 -9.37 15.50
N PRO B 33 12.83 -8.52 16.51
CA PRO B 33 12.07 -8.65 17.76
C PRO B 33 10.57 -8.43 17.54
N PRO B 34 9.73 -9.18 18.26
CA PRO B 34 8.27 -9.09 18.13
C PRO B 34 7.75 -7.67 18.33
N GLN B 35 8.46 -6.91 19.17
CA GLN B 35 8.05 -5.53 19.49
C GLN B 35 8.05 -4.63 18.27
N TYR B 36 8.83 -4.98 17.25
CA TYR B 36 8.95 -4.15 16.06
C TYR B 36 8.16 -4.68 14.87
N ILE B 37 7.40 -5.74 15.07
CA ILE B 37 6.59 -6.33 14.00
C ILE B 37 5.20 -5.69 13.99
N ALA B 38 4.81 -5.16 12.82
CA ALA B 38 3.47 -4.59 12.66
C ALA B 38 2.70 -5.43 11.65
N VAL B 39 1.43 -5.69 11.94
CA VAL B 39 0.59 -6.50 11.08
CA VAL B 39 0.59 -6.48 11.06
C VAL B 39 -0.75 -5.79 10.85
N HIS B 40 -1.29 -5.95 9.65
CA HIS B 40 -2.49 -5.24 9.24
C HIS B 40 -3.28 -6.16 8.32
N VAL B 41 -4.53 -6.42 8.69
CA VAL B 41 -5.39 -7.33 7.94
C VAL B 41 -6.63 -6.60 7.45
N VAL B 42 -6.88 -6.64 6.15
CA VAL B 42 -7.99 -5.92 5.54
C VAL B 42 -8.96 -6.86 4.80
N PRO B 43 -10.03 -7.28 5.47
CA PRO B 43 -11.04 -8.20 4.92
C PRO B 43 -12.12 -7.50 4.10
N ASP B 44 -12.96 -8.31 3.45
CA ASP B 44 -14.16 -7.80 2.80
C ASP B 44 -13.85 -6.89 1.62
N GLN B 45 -12.69 -7.10 0.99
CA GLN B 45 -12.27 -6.25 -0.11
C GLN B 45 -12.89 -6.65 -1.44
N LEU B 46 -13.08 -5.65 -2.28
CA LEU B 46 -13.55 -5.85 -3.65
C LEU B 46 -12.34 -6.11 -4.54
N MET B 47 -12.05 -7.38 -4.80
CA MET B 47 -10.88 -7.71 -5.60
C MET B 47 -11.05 -8.97 -6.41
N ALA B 48 -10.21 -9.13 -7.43
CA ALA B 48 -10.23 -10.32 -8.25
C ALA B 48 -8.80 -10.77 -8.51
N PHE B 49 -8.62 -12.07 -8.65
CA PHE B 49 -7.34 -12.63 -9.05
C PHE B 49 -7.58 -13.48 -10.29
N GLY B 50 -6.98 -13.09 -11.40
CA GLY B 50 -7.21 -13.81 -12.65
C GLY B 50 -8.65 -13.71 -13.12
N GLY B 51 -9.30 -12.59 -12.81
CA GLY B 51 -10.67 -12.39 -13.24
C GLY B 51 -11.72 -13.06 -12.36
N SER B 52 -11.27 -13.89 -11.41
CA SER B 52 -12.19 -14.60 -10.53
C SER B 52 -12.28 -13.96 -9.16
N SER B 53 -13.48 -13.92 -8.59
CA SER B 53 -13.66 -13.32 -7.27
C SER B 53 -13.67 -14.37 -6.16
N GLU B 54 -13.16 -15.55 -6.48
CA GLU B 54 -12.91 -16.57 -5.45
C GLU B 54 -11.89 -16.03 -4.46
N PRO B 55 -11.83 -16.60 -3.25
CA PRO B 55 -10.94 -16.04 -2.22
C PRO B 55 -9.52 -15.84 -2.74
N CYS B 56 -8.99 -14.64 -2.49
CA CYS B 56 -7.62 -14.32 -2.86
C CYS B 56 -7.03 -13.32 -1.88
N ALA B 57 -5.73 -13.08 -1.96
CA ALA B 57 -5.09 -12.10 -1.09
C ALA B 57 -3.95 -11.38 -1.80
N LEU B 58 -3.86 -10.08 -1.55
CA LEU B 58 -2.76 -9.28 -2.06
C LEU B 58 -2.04 -8.68 -0.84
N CYS B 59 -0.75 -9.02 -0.71
CA CYS B 59 -0.02 -8.76 0.53
C CYS B 59 1.27 -8.00 0.27
N SER B 60 1.84 -7.41 1.33
CA SER B 60 3.18 -6.88 1.24
C SER B 60 3.93 -7.12 2.54
N LEU B 61 5.24 -7.32 2.42
CA LEU B 61 6.12 -7.36 3.58
C LEU B 61 7.25 -6.37 3.36
N HIS B 62 7.36 -5.39 4.25
CA HIS B 62 8.46 -4.44 4.23
C HIS B 62 9.40 -4.77 5.38
N SER B 63 10.69 -4.81 5.11
CA SER B 63 11.67 -5.03 6.17
C SER B 63 12.95 -4.28 5.83
N ILE B 64 13.65 -3.83 6.87
CA ILE B 64 14.96 -3.26 6.67
C ILE B 64 15.95 -4.43 6.67
N GLY B 65 16.34 -4.85 5.48
CA GLY B 65 17.13 -6.06 5.35
C GLY B 65 16.29 -7.32 5.54
N LYS B 66 16.96 -8.47 5.51
CA LYS B 66 16.30 -9.77 5.64
C LYS B 66 15.37 -10.03 4.46
N ILE B 67 15.63 -9.37 3.34
CA ILE B 67 14.86 -9.58 2.13
C ILE B 67 15.81 -10.14 1.07
N GLY B 68 15.36 -11.14 0.32
CA GLY B 68 16.24 -11.76 -0.65
C GLY B 68 15.73 -13.08 -1.18
N GLY B 69 16.45 -13.64 -2.15
CA GLY B 69 15.98 -14.81 -2.86
C GLY B 69 15.43 -15.90 -1.97
N ALA B 70 16.29 -16.53 -1.19
CA ALA B 70 15.90 -17.70 -0.41
C ALA B 70 14.98 -17.30 0.74
N GLN B 71 15.25 -16.16 1.36
CA GLN B 71 14.44 -15.71 2.48
C GLN B 71 13.01 -15.41 2.04
N ASN B 72 12.87 -14.78 0.88
CA ASN B 72 11.54 -14.46 0.36
C ASN B 72 10.75 -15.71 -0.03
N ARG B 73 11.44 -16.72 -0.53
CA ARG B 73 10.78 -18.00 -0.78
C ARG B 73 10.30 -18.61 0.54
N SER B 74 11.11 -18.47 1.58
CA SER B 74 10.75 -19.00 2.88
C SER B 74 9.57 -18.24 3.46
N TYR B 75 9.59 -16.91 3.34
CA TYR B 75 8.47 -16.09 3.82
C TYR B 75 7.18 -16.50 3.10
N SER B 76 7.27 -16.72 1.79
CA SER B 76 6.09 -17.04 1.00
C SER B 76 5.47 -18.37 1.43
N LYS B 77 6.33 -19.35 1.70
CA LYS B 77 5.86 -20.65 2.13
C LYS B 77 5.15 -20.52 3.48
N LEU B 78 5.72 -19.73 4.38
CA LEU B 78 5.13 -19.50 5.69
C LEU B 78 3.79 -18.77 5.57
N LEU B 79 3.79 -17.68 4.82
CA LEU B 79 2.62 -16.81 4.76
C LEU B 79 1.49 -17.44 3.96
N CYS B 80 1.82 -18.07 2.84
CA CYS B 80 0.80 -18.80 2.08
C CYS B 80 0.24 -19.94 2.91
N GLY B 81 1.10 -20.58 3.70
CA GLY B 81 0.63 -21.65 4.56
C GLY B 81 -0.39 -21.14 5.56
N LEU B 82 -0.10 -19.99 6.16
CA LEU B 82 -1.00 -19.38 7.12
C LEU B 82 -2.31 -18.91 6.49
N LEU B 83 -2.23 -18.34 5.30
CA LEU B 83 -3.43 -17.84 4.62
C LEU B 83 -4.31 -19.01 4.17
N ALA B 84 -3.67 -20.10 3.76
CA ALA B 84 -4.40 -21.31 3.40
C ALA B 84 -5.09 -21.90 4.61
N GLU B 85 -4.33 -22.10 5.69
CA GLU B 85 -4.86 -22.73 6.89
C GLU B 85 -5.93 -21.90 7.60
N ARG B 86 -5.69 -20.60 7.71
CA ARG B 86 -6.54 -19.75 8.56
C ARG B 86 -7.69 -19.09 7.81
N LEU B 87 -7.45 -18.71 6.56
CA LEU B 87 -8.45 -17.99 5.78
C LEU B 87 -8.97 -18.82 4.61
N ARG B 88 -8.40 -20.00 4.42
CA ARG B 88 -8.83 -20.90 3.36
C ARG B 88 -8.59 -20.32 1.97
N ILE B 89 -7.46 -19.63 1.81
CA ILE B 89 -7.11 -19.04 0.52
C ILE B 89 -6.07 -19.88 -0.20
N SER B 90 -6.36 -20.25 -1.44
CA SER B 90 -5.40 -21.01 -2.24
C SER B 90 -4.09 -20.25 -2.41
N PRO B 91 -2.97 -20.92 -2.19
CA PRO B 91 -1.64 -20.34 -2.38
C PRO B 91 -1.44 -19.74 -3.77
N ASP B 92 -2.06 -20.34 -4.79
CA ASP B 92 -1.89 -19.81 -6.14
C ASP B 92 -2.81 -18.63 -6.44
N ARG B 93 -3.54 -18.17 -5.42
CA ARG B 93 -4.30 -16.92 -5.54
C ARG B 93 -3.81 -15.91 -4.50
N VAL B 94 -2.52 -15.98 -4.19
CA VAL B 94 -1.87 -15.01 -3.31
C VAL B 94 -0.67 -14.36 -4.00
N TYR B 95 -0.60 -13.04 -3.95
CA TYR B 95 0.60 -12.30 -4.33
C TYR B 95 1.14 -11.61 -3.09
N ILE B 96 2.45 -11.69 -2.90
CA ILE B 96 3.12 -10.99 -1.80
C ILE B 96 4.25 -10.15 -2.39
N ASN B 97 4.14 -8.83 -2.26
CA ASN B 97 5.25 -7.97 -2.68
C ASN B 97 6.22 -7.74 -1.53
N TYR B 98 7.48 -8.04 -1.78
CA TYR B 98 8.55 -7.87 -0.79
C TYR B 98 9.32 -6.58 -1.06
N TYR B 99 9.53 -5.81 0.01
CA TYR B 99 10.27 -4.57 -0.09
C TYR B 99 11.43 -4.54 0.92
N ASP B 100 12.64 -4.38 0.40
CA ASP B 100 13.82 -4.19 1.24
C ASP B 100 14.00 -2.69 1.46
N MET B 101 13.55 -2.20 2.61
CA MET B 101 13.59 -0.77 2.88
C MET B 101 14.96 -0.35 3.40
N ASN B 102 15.46 0.80 2.92
CA ASN B 102 16.65 1.38 3.52
C ASN B 102 16.27 2.03 4.85
N ALA B 103 17.15 1.90 5.83
CA ALA B 103 16.85 2.44 7.16
C ALA B 103 16.49 3.93 7.11
N ALA B 104 17.07 4.66 6.16
CA ALA B 104 16.82 6.10 6.08
C ALA B 104 15.41 6.39 5.55
N ASN B 105 14.79 5.39 4.94
CA ASN B 105 13.47 5.55 4.32
C ASN B 105 12.34 4.94 5.16
N VAL B 106 12.62 4.71 6.45
CA VAL B 106 11.59 4.25 7.37
C VAL B 106 11.48 5.16 8.58
N GLY B 107 10.30 5.77 8.74
CA GLY B 107 10.07 6.64 9.88
C GLY B 107 9.52 5.89 11.09
N TRP B 108 9.91 6.35 12.27
CA TRP B 108 9.45 5.77 13.53
C TRP B 108 9.85 6.69 14.67
N ASN B 109 8.95 6.87 15.63
CA ASN B 109 9.30 7.54 16.88
C ASN B 109 9.92 8.92 16.64
N ASN B 110 9.29 9.72 15.79
CA ASN B 110 9.70 11.11 15.57
C ASN B 110 10.94 11.28 14.68
N SER B 111 11.49 10.16 14.23
CA SER B 111 12.68 10.20 13.39
C SER B 111 12.67 9.02 12.40
N THR B 112 13.84 8.55 12.00
CA THR B 112 13.94 7.37 11.16
C THR B 112 14.90 6.35 11.78
N PHE B 113 15.22 5.30 11.03
CA PHE B 113 16.20 4.34 11.51
C PHE B 113 17.61 4.67 11.05
N ALA B 114 17.76 5.84 10.41
CA ALA B 114 19.08 6.36 10.08
C ALA B 114 19.49 7.38 11.14
N LEU B 115 20.21 6.90 12.15
CA LEU B 115 20.58 7.73 13.30
C LEU B 115 22.08 7.99 13.32
N GLU B 116 22.78 7.54 12.29
CA GLU B 116 24.24 7.53 12.29
C GLU B 116 24.87 8.81 11.73
N HIS B 117 24.18 9.47 10.80
CA HIS B 117 24.73 10.66 10.18
C HIS B 117 23.71 11.79 10.14
N HIS B 118 24.19 13.03 10.22
CA HIS B 118 23.30 14.18 10.27
C HIS B 118 24.07 15.48 10.09
N PRO C 1 0.61 -9.19 -12.81
CA PRO C 1 0.52 -7.76 -12.43
C PRO C 1 -0.59 -7.50 -11.43
N MET C 2 -0.46 -6.40 -10.69
CA MET C 2 -1.39 -6.05 -9.62
C MET C 2 -1.78 -4.58 -9.73
N PHE C 3 -3.07 -4.31 -9.88
CA PHE C 3 -3.56 -2.94 -9.96
C PHE C 3 -4.50 -2.61 -8.82
N ILE C 4 -4.18 -1.55 -8.07
CA ILE C 4 -5.01 -1.14 -6.94
C ILE C 4 -5.59 0.25 -7.17
N VAL C 5 -6.89 0.42 -6.95
CA VAL C 5 -7.51 1.73 -7.03
C VAL C 5 -8.13 2.12 -5.69
N ASN C 6 -7.66 3.23 -5.13
CA ASN C 6 -8.25 3.78 -3.91
C ASN C 6 -8.96 5.09 -4.24
N THR C 7 -10.24 5.18 -3.90
CA THR C 7 -11.03 6.34 -4.30
C THR C 7 -12.11 6.72 -3.28
N ASN C 8 -12.51 7.98 -3.31
CA ASN C 8 -13.59 8.47 -2.46
C ASN C 8 -14.96 8.34 -3.16
N VAL C 9 -14.95 7.86 -4.39
CA VAL C 9 -16.20 7.54 -5.08
C VAL C 9 -16.94 6.43 -4.33
N PRO C 10 -18.27 6.57 -4.16
CA PRO C 10 -19.05 5.58 -3.42
C PRO C 10 -19.08 4.19 -4.09
N ARG C 11 -19.27 3.17 -3.26
CA ARG C 11 -19.29 1.79 -3.74
C ARG C 11 -20.34 1.56 -4.82
N ALA C 12 -21.50 2.19 -4.67
CA ALA C 12 -22.59 1.99 -5.61
C ALA C 12 -22.29 2.60 -6.98
N SER C 13 -21.31 3.50 -7.02
CA SER C 13 -20.91 4.12 -8.28
C SER C 13 -19.84 3.32 -9.00
N VAL C 14 -19.40 2.23 -8.39
CA VAL C 14 -18.51 1.30 -9.08
C VAL C 14 -19.34 0.29 -9.88
N PRO C 15 -19.28 0.37 -11.21
CA PRO C 15 -20.14 -0.46 -12.05
C PRO C 15 -19.81 -1.94 -11.95
N ASP C 16 -20.83 -2.78 -12.03
CA ASP C 16 -20.64 -4.22 -12.15
C ASP C 16 -19.78 -4.48 -13.38
N GLY C 17 -18.80 -5.37 -13.25
CA GLY C 17 -17.96 -5.68 -14.38
C GLY C 17 -16.72 -4.81 -14.47
N PHE C 18 -16.56 -3.89 -13.51
CA PHE C 18 -15.41 -3.01 -13.50
C PHE C 18 -14.10 -3.79 -13.28
N LEU C 19 -14.12 -4.72 -12.34
CA LEU C 19 -12.94 -5.53 -12.06
C LEU C 19 -12.57 -6.41 -13.24
N SER C 20 -13.58 -6.95 -13.92
CA SER C 20 -13.34 -7.78 -15.09
C SER C 20 -12.80 -6.94 -16.25
N GLU C 21 -13.33 -5.74 -16.41
CA GLU C 21 -12.85 -4.86 -17.48
C GLU C 21 -11.40 -4.45 -17.22
N LEU C 22 -11.08 -4.14 -15.97
CA LEU C 22 -9.70 -3.81 -15.63
C LEU C 22 -8.78 -4.98 -15.90
N THR C 23 -9.24 -6.18 -15.56
CA THR C 23 -8.44 -7.37 -15.77
C THR C 23 -8.13 -7.53 -17.26
N GLN C 24 -9.15 -7.44 -18.09
CA GLN C 24 -8.98 -7.66 -19.53
C GLN C 24 -8.11 -6.58 -20.16
N GLN C 25 -8.37 -5.32 -19.82
CA GLN C 25 -7.61 -4.20 -20.37
C GLN C 25 -6.14 -4.21 -19.96
N LEU C 26 -5.87 -4.67 -18.73
CA LEU C 26 -4.50 -4.73 -18.23
C LEU C 26 -3.74 -5.91 -18.85
N ALA C 27 -4.44 -7.01 -19.09
CA ALA C 27 -3.81 -8.15 -19.72
C ALA C 27 -3.36 -7.74 -21.11
N GLN C 28 -4.25 -7.05 -21.82
CA GLN C 28 -3.96 -6.56 -23.16
C GLN C 28 -2.79 -5.58 -23.13
N ALA C 29 -2.80 -4.69 -22.16
CA ALA C 29 -1.83 -3.60 -22.11
C ALA C 29 -0.43 -4.08 -21.73
N THR C 30 -0.35 -5.02 -20.79
CA THR C 30 0.95 -5.48 -20.28
C THR C 30 1.46 -6.69 -21.07
N GLY C 31 0.56 -7.37 -21.76
CA GLY C 31 0.95 -8.55 -22.50
C GLY C 31 0.97 -9.80 -21.62
N LYS C 32 0.83 -9.59 -20.31
CA LYS C 32 0.74 -10.70 -19.37
C LYS C 32 -0.62 -11.37 -19.50
N PRO C 33 -0.69 -12.68 -19.28
CA PRO C 33 -1.98 -13.38 -19.36
C PRO C 33 -2.96 -13.02 -18.23
N PRO C 34 -4.26 -13.01 -18.54
CA PRO C 34 -5.32 -12.58 -17.62
C PRO C 34 -5.28 -13.33 -16.28
N GLN C 35 -4.90 -14.60 -16.32
CA GLN C 35 -4.85 -15.44 -15.13
C GLN C 35 -3.93 -14.87 -14.06
N TYR C 36 -2.97 -14.04 -14.47
CA TYR C 36 -1.98 -13.51 -13.54
C TYR C 36 -2.23 -12.06 -13.17
N ILE C 37 -3.35 -11.51 -13.63
CA ILE C 37 -3.69 -10.13 -13.30
C ILE C 37 -4.56 -10.10 -12.06
N ALA C 38 -4.16 -9.26 -11.10
CA ALA C 38 -4.95 -9.06 -9.90
C ALA C 38 -5.41 -7.60 -9.84
N VAL C 39 -6.67 -7.39 -9.47
CA VAL C 39 -7.24 -6.06 -9.41
CA VAL C 39 -7.22 -6.05 -9.39
C VAL C 39 -7.97 -5.88 -8.08
N HIS C 40 -7.91 -4.65 -7.55
CA HIS C 40 -8.42 -4.37 -6.21
C HIS C 40 -8.95 -2.94 -6.24
N VAL C 41 -10.24 -2.78 -5.95
CA VAL C 41 -10.84 -1.46 -5.92
C VAL C 41 -11.37 -1.15 -4.53
N VAL C 42 -11.02 0.02 -4.02
CA VAL C 42 -11.36 0.40 -2.65
C VAL C 42 -12.12 1.73 -2.66
N PRO C 43 -13.45 1.67 -2.67
CA PRO C 43 -14.33 2.85 -2.71
C PRO C 43 -14.54 3.48 -1.33
N ASP C 44 -15.26 4.59 -1.31
CA ASP C 44 -15.73 5.20 -0.06
C ASP C 44 -14.58 5.62 0.84
N GLN C 45 -13.44 5.93 0.25
CA GLN C 45 -12.27 6.30 1.03
C GLN C 45 -12.29 7.77 1.43
N LEU C 46 -11.70 8.05 2.58
CA LEU C 46 -11.54 9.41 3.08
C LEU C 46 -10.22 9.99 2.55
N MET C 47 -10.31 10.81 1.50
CA MET C 47 -9.11 11.35 0.90
C MET C 47 -9.34 12.71 0.28
N ALA C 48 -8.26 13.44 0.04
CA ALA C 48 -8.30 14.72 -0.63
C ALA C 48 -7.18 14.79 -1.65
N PHE C 49 -7.41 15.57 -2.70
CA PHE C 49 -6.42 15.79 -3.74
C PHE C 49 -6.37 17.30 -3.95
N GLY C 50 -5.22 17.90 -3.68
CA GLY C 50 -5.10 19.34 -3.76
C GLY C 50 -5.96 20.07 -2.74
N GLY C 51 -6.32 19.39 -1.65
CA GLY C 51 -7.16 20.02 -0.64
C GLY C 51 -8.66 19.86 -0.87
N SER C 52 -9.04 19.22 -1.97
CA SER C 52 -10.43 19.05 -2.34
C SER C 52 -10.89 17.60 -2.20
N SER C 53 -12.12 17.42 -1.73
CA SER C 53 -12.68 16.09 -1.57
C SER C 53 -13.59 15.70 -2.74
N GLU C 54 -13.46 16.39 -3.87
CA GLU C 54 -14.12 15.96 -5.09
C GLU C 54 -13.55 14.60 -5.50
N PRO C 55 -14.21 13.90 -6.44
CA PRO C 55 -13.72 12.58 -6.83
C PRO C 55 -12.26 12.60 -7.23
N CYS C 56 -11.51 11.63 -6.69
CA CYS C 56 -10.10 11.47 -7.03
C CYS C 56 -9.76 9.99 -6.84
N ALA C 57 -8.58 9.60 -7.31
CA ALA C 57 -8.14 8.23 -7.13
C ALA C 57 -6.63 8.19 -6.91
N LEU C 58 -6.20 7.32 -6.02
CA LEU C 58 -4.77 7.06 -5.82
C LEU C 58 -4.53 5.59 -6.12
N CYS C 59 -3.65 5.31 -7.07
CA CYS C 59 -3.54 3.97 -7.63
C CYS C 59 -2.10 3.49 -7.64
N SER C 60 -1.92 2.17 -7.75
CA SER C 60 -0.60 1.62 -8.01
C SER C 60 -0.69 0.49 -9.01
N LEU C 61 0.35 0.34 -9.82
CA LEU C 61 0.46 -0.80 -10.70
C LEU C 61 1.81 -1.45 -10.47
N HIS C 62 1.79 -2.71 -10.03
CA HIS C 62 3.01 -3.48 -9.85
C HIS C 62 3.11 -4.50 -10.98
N SER C 63 4.29 -4.59 -11.58
CA SER C 63 4.52 -5.59 -12.59
C SER C 63 5.98 -6.03 -12.58
N ILE C 64 6.21 -7.28 -12.90
CA ILE C 64 7.57 -7.76 -13.09
C ILE C 64 7.94 -7.45 -14.54
N GLY C 65 8.69 -6.38 -14.73
CA GLY C 65 8.97 -5.89 -16.08
C GLY C 65 7.77 -5.19 -16.69
N LYS C 66 7.93 -4.76 -17.95
CA LYS C 66 6.87 -4.05 -18.67
C LYS C 66 6.55 -2.72 -18.00
N ILE C 67 7.53 -2.18 -17.28
CA ILE C 67 7.40 -0.88 -16.64
C ILE C 67 8.50 0.02 -17.21
N GLY C 68 8.14 1.27 -17.53
CA GLY C 68 9.13 2.18 -18.07
C GLY C 68 8.51 3.43 -18.67
N GLY C 69 9.35 4.32 -19.19
CA GLY C 69 8.89 5.61 -19.67
C GLY C 69 7.67 5.57 -20.56
N ALA C 70 7.83 5.01 -21.76
CA ALA C 70 6.75 5.04 -22.75
C ALA C 70 5.56 4.18 -22.32
N GLN C 71 5.86 3.00 -21.78
CA GLN C 71 4.81 2.08 -21.37
C GLN C 71 3.95 2.68 -20.25
N ASN C 72 4.59 3.35 -19.30
CA ASN C 72 3.85 3.98 -18.22
C ASN C 72 2.98 5.12 -18.72
N ARG C 73 3.46 5.85 -19.73
CA ARG C 73 2.62 6.87 -20.35
C ARG C 73 1.39 6.23 -20.98
N SER C 74 1.59 5.10 -21.65
CA SER C 74 0.49 4.39 -22.26
C SER C 74 -0.49 3.88 -21.19
N TYR C 75 0.05 3.29 -20.13
CA TYR C 75 -0.79 2.80 -19.03
C TYR C 75 -1.64 3.93 -18.43
N SER C 76 -1.04 5.09 -18.24
CA SER C 76 -1.73 6.20 -17.60
C SER C 76 -2.91 6.70 -18.44
N LYS C 77 -2.70 6.76 -19.75
CA LYS C 77 -3.77 7.17 -20.66
C LYS C 77 -4.91 6.16 -20.59
N LEU C 78 -4.55 4.88 -20.56
CA LEU C 78 -5.54 3.81 -20.46
C LEU C 78 -6.30 3.86 -19.14
N LEU C 79 -5.56 3.90 -18.04
CA LEU C 79 -6.18 3.80 -16.73
C LEU C 79 -6.99 5.04 -16.37
N CYS C 80 -6.46 6.22 -16.68
CA CYS C 80 -7.21 7.45 -16.48
C CYS C 80 -8.49 7.46 -17.32
N GLY C 81 -8.39 6.99 -18.56
CA GLY C 81 -9.57 6.91 -19.40
C GLY C 81 -10.64 6.05 -18.76
N LEU C 82 -10.22 4.92 -18.20
CA LEU C 82 -11.15 4.00 -17.55
C LEU C 82 -11.78 4.60 -16.30
N LEU C 83 -10.98 5.28 -15.49
CA LEU C 83 -11.47 5.88 -14.26
C LEU C 83 -12.41 7.04 -14.57
N ALA C 84 -12.08 7.81 -15.60
CA ALA C 84 -12.93 8.93 -16.02
C ALA C 84 -14.26 8.41 -16.57
N GLU C 85 -14.20 7.42 -17.46
CA GLU C 85 -15.41 6.87 -18.08
C GLU C 85 -16.30 6.16 -17.06
N ARG C 86 -15.70 5.31 -16.23
CA ARG C 86 -16.47 4.42 -15.37
C ARG C 86 -16.80 5.02 -14.00
N LEU C 87 -15.87 5.79 -13.44
CA LEU C 87 -16.07 6.30 -12.09
C LEU C 87 -16.28 7.82 -12.09
N ARG C 88 -16.18 8.43 -13.27
CA ARG C 88 -16.40 9.85 -13.42
C ARG C 88 -15.39 10.63 -12.59
N ILE C 89 -14.14 10.18 -12.65
CA ILE C 89 -13.05 10.86 -11.95
C ILE C 89 -12.19 11.58 -12.98
N SER C 90 -11.98 12.87 -12.77
CA SER C 90 -11.17 13.67 -13.67
C SER C 90 -9.73 13.18 -13.65
N PRO C 91 -9.11 13.04 -14.83
CA PRO C 91 -7.73 12.55 -14.97
C PRO C 91 -6.68 13.34 -14.19
N ASP C 92 -6.88 14.64 -14.00
CA ASP C 92 -5.91 15.44 -13.27
C ASP C 92 -6.12 15.35 -11.77
N ARG C 93 -7.05 14.50 -11.35
CA ARG C 93 -7.18 14.16 -9.94
C ARG C 93 -6.90 12.68 -9.70
N VAL C 94 -6.01 12.13 -10.53
CA VAL C 94 -5.59 10.75 -10.40
C VAL C 94 -4.06 10.68 -10.28
N TYR C 95 -3.57 9.92 -9.31
CA TYR C 95 -2.16 9.56 -9.28
C TYR C 95 -2.04 8.05 -9.43
N ILE C 96 -1.04 7.62 -10.17
CA ILE C 96 -0.74 6.20 -10.33
C ILE C 96 0.75 5.98 -10.09
N ASN C 97 1.08 5.23 -9.04
CA ASN C 97 2.46 4.86 -8.79
C ASN C 97 2.81 3.55 -9.49
N TYR C 98 3.86 3.57 -10.30
CA TYR C 98 4.29 2.38 -11.01
C TYR C 98 5.51 1.75 -10.34
N TYR C 99 5.47 0.42 -10.20
CA TYR C 99 6.54 -0.32 -9.55
C TYR C 99 7.00 -1.45 -10.44
N ASP C 100 8.28 -1.44 -10.79
CA ASP C 100 8.88 -2.55 -11.51
C ASP C 100 9.43 -3.52 -10.48
N MET C 101 8.75 -4.63 -10.28
CA MET C 101 9.15 -5.60 -9.26
C MET C 101 10.18 -6.60 -9.81
N ASN C 102 11.16 -6.94 -8.97
CA ASN C 102 12.06 -8.05 -9.31
C ASN C 102 11.33 -9.35 -9.03
N ALA C 103 11.55 -10.35 -9.87
CA ALA C 103 10.88 -11.64 -9.70
C ALA C 103 11.14 -12.24 -8.32
N ALA C 104 12.33 -12.03 -7.78
CA ALA C 104 12.69 -12.59 -6.48
C ALA C 104 11.93 -11.91 -5.34
N ASN C 105 11.33 -10.75 -5.62
CA ASN C 105 10.60 -9.98 -4.62
C ASN C 105 9.08 -10.08 -4.78
N VAL C 106 8.60 -11.09 -5.51
CA VAL C 106 7.18 -11.34 -5.57
C VAL C 106 6.86 -12.78 -5.17
N GLY C 107 6.13 -12.92 -4.06
CA GLY C 107 5.72 -14.25 -3.63
C GLY C 107 4.43 -14.68 -4.31
N TRP C 108 4.32 -15.98 -4.57
CA TRP C 108 3.13 -16.57 -5.17
C TRP C 108 3.23 -18.08 -5.00
N ASN C 109 2.11 -18.71 -4.65
CA ASN C 109 2.03 -20.17 -4.67
C ASN C 109 3.14 -20.83 -3.84
N ASN C 110 3.27 -20.40 -2.59
CA ASN C 110 4.24 -20.96 -1.64
C ASN C 110 5.71 -20.67 -1.94
N SER C 111 5.97 -19.89 -2.99
CA SER C 111 7.34 -19.53 -3.33
C SER C 111 7.38 -18.12 -3.94
N THR C 112 8.39 -17.84 -4.76
CA THR C 112 8.41 -16.58 -5.52
C THR C 112 8.56 -16.88 -7.00
N PHE C 113 8.69 -15.84 -7.81
CA PHE C 113 8.92 -16.02 -9.23
C PHE C 113 10.41 -16.16 -9.54
N ALA C 114 11.22 -16.24 -8.49
CA ALA C 114 12.64 -16.57 -8.65
C ALA C 114 12.81 -18.06 -8.41
N LEU C 115 12.72 -18.85 -9.48
CA LEU C 115 12.72 -20.30 -9.39
C LEU C 115 14.00 -20.89 -9.97
N GLU C 116 14.91 -20.02 -10.37
CA GLU C 116 16.06 -20.44 -11.18
C GLU C 116 17.31 -20.71 -10.36
N HIS C 117 17.38 -20.15 -9.16
CA HIS C 117 18.62 -20.21 -8.38
C HIS C 117 18.40 -20.43 -6.89
N HIS C 118 19.40 -21.03 -6.25
CA HIS C 118 19.33 -21.33 -4.83
C HIS C 118 20.63 -20.92 -4.13
CAA 47X D . 4.44 10.36 -5.72
CAB 47X D . 3.14 10.08 -6.10
CAC 47X D . 2.35 11.07 -6.67
CAD 47X D . 4.96 11.65 -5.90
CAE 47X D . 4.16 12.65 -6.46
CAF 47X D . 2.86 12.36 -6.85
OAG 47X D . 2.07 13.32 -7.42
CAH 47X D . 2.61 14.52 -7.77
CAI 47X D . 3.89 14.86 -7.37
CAJ 47X D . 4.65 13.93 -6.64
CAK 47X D . 4.42 16.10 -7.72
CAL 47X D . 5.36 16.20 -8.74
CAM 47X D . 5.88 17.44 -9.10
CAN 47X D . 5.45 18.59 -8.44
CAO 47X D . 4.50 18.50 -7.42
CAP 47X D . 3.99 17.25 -7.06
OAQ 47X D . 5.94 19.81 -8.79
OAR 47X D . 6.81 17.53 -10.09
OAS 47X D . 2.62 8.84 -5.90
OAT 47X D . 5.78 14.23 -6.27
S SO4 E . 27.96 12.87 10.27
O1 SO4 E . 29.07 13.85 10.34
O2 SO4 E . 27.19 12.92 11.52
O3 SO4 E . 27.09 13.20 9.12
O4 SO4 E . 28.52 11.52 10.09
S SO4 F . -16.30 -7.72 14.63
O1 SO4 F . -15.45 -8.66 13.87
O2 SO4 F . -15.51 -6.52 15.01
O3 SO4 F . -17.44 -7.31 13.80
O4 SO4 F . -16.79 -8.38 15.86
S SO4 G . 18.95 -14.76 0.37
O1 SO4 G . 19.02 -15.33 -0.99
O2 SO4 G . 19.72 -13.49 0.40
O3 SO4 G . 17.54 -14.48 0.73
O4 SO4 G . 19.52 -15.71 1.33
C1 GOL H . 10.27 -1.29 9.99
O1 GOL H . 10.82 -2.49 10.55
C2 GOL H . 9.51 -1.64 8.71
O2 GOL H . 10.41 -2.22 7.77
C3 GOL H . 8.91 -0.35 8.12
O3 GOL H . 8.19 -0.69 6.92
S SO4 I . 16.30 -22.21 -1.42
O1 SO4 I . 17.32 -21.50 -2.20
O2 SO4 I . 16.73 -22.30 -0.01
O3 SO4 I . 15.01 -21.49 -1.49
O4 SO4 I . 16.12 -23.57 -1.96
C1 GOL J . 2.95 -10.33 -10.34
O1 GOL J . 2.80 -10.33 -11.76
C2 GOL J . 2.74 -8.91 -9.80
O2 GOL J . 3.69 -8.02 -10.39
C3 GOL J . 2.93 -8.92 -8.28
O3 GOL J . 2.78 -7.59 -7.78
S SO4 K . 9.90 2.03 -22.18
O1 SO4 K . 10.30 3.27 -22.86
O2 SO4 K . 8.87 2.31 -21.17
O3 SO4 K . 9.34 1.09 -23.18
O4 SO4 K . 11.09 1.42 -21.54
#